data_5W98
#
_entry.id   5W98
#
_cell.length_a   44.247
_cell.length_b   88.132
_cell.length_c   44.473
_cell.angle_alpha   90.00
_cell.angle_beta   109.78
_cell.angle_gamma   90.00
#
_symmetry.space_group_name_H-M   'P 1 21 1'
#
loop_
_entity.id
_entity.type
_entity.pdbx_description
1 polymer PbtD
2 non-polymer '2-(N-MORPHOLINO)-ETHANESULFONIC ACID'
3 water water
#
_entity_poly.entity_id   1
_entity_poly.type   'polypeptide(L)'
_entity_poly.pdbx_seq_one_letter_code
;SGSMTWRRFDVAYHDPDLDRLILAARPLLSESPGRSWFQRHWVRGPHLELWFDHPEPSWERVREVLGTHLRAHPSRTRID
PDRLLPQHRRLALAEQIDEPLLPFYDDNTLHRAVPRSRVHVLGSAAAEDLFHDFHAAASTAAFDQLDAVVAGESRLGLAF
ELMIAAAHAHAEGGITGGFVSFRSHAEAFLAGAAGLRERWEAEYRTRAEALRAQVAAVVTGTPRGRAWTGLLDGFAGRGD
ELIASGALTVEPASPTAAAEPDTEFHRALRANRTWHDEVLRSPSFRRYRLLLNLTYLQMSRLGVTAVQRSLLCHFAASAV
EEEYGVSAIEIAVGGM
;
_entity_poly.pdbx_strand_id   A
#
loop_
_chem_comp.id
_chem_comp.type
_chem_comp.name
_chem_comp.formula
MES non-polymer '2-(N-MORPHOLINO)-ETHANESULFONIC ACID' 'C6 H13 N O4 S'
#
# COMPACT_ATOMS: atom_id res chain seq x y z
N MET A 4 -13.61 17.26 -3.53
CA MET A 4 -14.96 16.62 -3.53
C MET A 4 -15.36 16.17 -2.12
N THR A 5 -16.57 15.60 -2.04
CA THR A 5 -17.29 15.22 -0.81
C THR A 5 -17.45 13.63 -0.58
N TRP A 6 -16.59 13.21 0.28
CA TRP A 6 -16.35 11.77 0.52
C TRP A 6 -17.23 11.20 1.57
N ARG A 7 -17.53 9.96 1.51
CA ARG A 7 -18.12 9.12 2.56
C ARG A 7 -17.11 8.06 2.88
N ARG A 8 -16.91 7.74 4.11
CA ARG A 8 -15.98 6.70 4.63
C ARG A 8 -16.76 5.72 5.47
N PHE A 9 -16.61 4.42 5.24
CA PHE A 9 -17.18 3.38 6.07
C PHE A 9 -16.05 2.60 6.58
N ASP A 10 -16.04 2.28 7.87
CA ASP A 10 -15.06 1.43 8.52
C ASP A 10 -15.65 0.09 8.82
N VAL A 11 -15.03 -0.99 8.38
CA VAL A 11 -15.47 -2.39 8.61
C VAL A 11 -14.48 -2.94 9.58
N ALA A 12 -14.92 -3.07 10.85
CA ALA A 12 -14.01 -3.58 11.87
C ALA A 12 -13.79 -5.07 11.65
N TYR A 13 -12.56 -5.51 11.57
CA TYR A 13 -12.21 -6.91 11.26
C TYR A 13 -10.86 -7.13 11.79
N HIS A 14 -10.73 -7.86 12.89
CA HIS A 14 -9.47 -7.86 13.64
C HIS A 14 -8.56 -8.92 13.16
N ASP A 15 -8.95 -9.86 12.38
CA ASP A 15 -8.09 -10.84 11.75
C ASP A 15 -7.27 -10.12 10.69
N PRO A 16 -5.93 -10.20 10.68
CA PRO A 16 -5.16 -9.55 9.62
C PRO A 16 -5.47 -10.02 8.24
N ASP A 17 -5.97 -11.22 8.07
CA ASP A 17 -6.33 -11.70 6.73
C ASP A 17 -7.68 -11.16 6.27
N LEU A 18 -7.63 -10.11 5.48
CA LEU A 18 -8.80 -9.37 4.96
C LEU A 18 -9.14 -9.77 3.58
N ASP A 19 -8.49 -10.71 2.97
CA ASP A 19 -8.64 -10.91 1.53
C ASP A 19 -10.07 -11.20 1.12
N ARG A 20 -10.72 -12.13 1.83
CA ARG A 20 -12.07 -12.49 1.46
C ARG A 20 -13.07 -11.41 1.79
N LEU A 21 -12.86 -10.66 2.85
CA LEU A 21 -13.70 -9.53 3.15
C LEU A 21 -13.64 -8.48 2.02
N ILE A 22 -12.38 -8.14 1.63
CA ILE A 22 -12.16 -7.19 0.52
C ILE A 22 -12.86 -7.68 -0.75
N LEU A 23 -12.70 -8.97 -1.08
CA LEU A 23 -13.36 -9.51 -2.28
C LEU A 23 -14.88 -9.48 -2.14
N ALA A 24 -15.43 -9.64 -0.96
CA ALA A 24 -16.90 -9.49 -0.76
C ALA A 24 -17.33 -8.09 -0.97
N ALA A 25 -16.47 -7.12 -0.70
CA ALA A 25 -16.78 -5.70 -0.93
C ALA A 25 -16.67 -5.28 -2.37
N ARG A 26 -16.06 -6.06 -3.22
CA ARG A 26 -15.78 -5.70 -4.62
C ARG A 26 -16.97 -5.12 -5.36
N PRO A 27 -18.19 -5.73 -5.27
CA PRO A 27 -19.30 -5.14 -6.00
C PRO A 27 -19.55 -3.71 -5.57
N LEU A 28 -19.45 -3.37 -4.27
CA LEU A 28 -19.70 -2.05 -3.85
C LEU A 28 -18.79 -1.02 -4.47
N LEU A 29 -17.56 -1.43 -4.79
CA LEU A 29 -16.56 -0.53 -5.36
C LEU A 29 -16.52 -0.61 -6.85
N SER A 30 -17.43 -1.33 -7.44
N SER A 30 -17.42 -1.34 -7.48
CA SER A 30 -17.35 -1.62 -8.87
CA SER A 30 -17.39 -1.55 -8.94
C SER A 30 -18.65 -1.40 -9.61
C SER A 30 -18.73 -1.56 -9.61
N GLU A 31 -19.73 -1.03 -8.96
CA GLU A 31 -21.05 -1.09 -9.49
C GLU A 31 -21.64 0.20 -9.82
N SER A 32 -21.22 1.34 -9.33
CA SER A 32 -21.84 2.63 -9.49
C SER A 32 -20.89 3.72 -9.90
N PRO A 33 -21.34 4.83 -10.46
CA PRO A 33 -20.49 5.93 -10.72
C PRO A 33 -19.74 6.48 -9.52
N GLY A 34 -18.68 7.18 -9.78
CA GLY A 34 -17.90 7.84 -8.76
C GLY A 34 -16.58 7.16 -8.45
N ARG A 35 -15.70 7.89 -7.80
CA ARG A 35 -14.46 7.28 -7.32
C ARG A 35 -14.72 6.47 -6.07
N SER A 36 -14.15 5.29 -6.01
N SER A 36 -14.22 5.23 -6.01
CA SER A 36 -14.17 4.59 -4.80
CA SER A 36 -14.42 4.29 -4.92
C SER A 36 -12.95 3.78 -4.61
C SER A 36 -12.95 3.83 -4.62
N TRP A 37 -12.58 3.63 -3.34
CA TRP A 37 -11.29 3.01 -3.02
C TRP A 37 -11.34 2.41 -1.64
N PHE A 38 -10.38 1.55 -1.36
CA PHE A 38 -10.25 0.95 -0.03
C PHE A 38 -8.86 0.98 0.48
N GLN A 39 -8.70 0.95 1.80
CA GLN A 39 -7.39 0.76 2.43
C GLN A 39 -7.58 0.05 3.73
N ARG A 40 -6.51 -0.50 4.23
CA ARG A 40 -6.45 -1.07 5.61
C ARG A 40 -6.01 0.01 6.55
N HIS A 41 -6.55 0.14 7.75
CA HIS A 41 -6.14 1.14 8.70
C HIS A 41 -6.24 0.55 10.10
N TRP A 42 -5.66 1.30 11.01
CA TRP A 42 -5.44 0.86 12.39
C TRP A 42 -6.24 1.66 13.39
N VAL A 43 -6.75 2.81 13.09
N VAL A 43 -6.79 2.83 13.08
CA VAL A 43 -7.31 3.62 14.10
CA VAL A 43 -7.41 3.69 14.06
C VAL A 43 -8.59 2.94 14.60
C VAL A 43 -8.69 3.06 14.60
N ARG A 44 -8.84 2.98 15.92
CA ARG A 44 -9.97 2.28 16.56
C ARG A 44 -9.87 0.78 16.30
N GLY A 45 -8.69 0.25 16.10
CA GLY A 45 -8.45 -1.12 15.83
C GLY A 45 -8.43 -1.50 14.34
N PRO A 46 -7.90 -2.62 14.00
CA PRO A 46 -7.81 -2.99 12.59
C PRO A 46 -9.09 -2.93 11.92
N HIS A 47 -9.17 -2.33 10.73
CA HIS A 47 -10.42 -2.23 10.00
C HIS A 47 -10.11 -1.94 8.55
N LEU A 48 -11.05 -2.27 7.72
CA LEU A 48 -11.07 -1.91 6.29
C LEU A 48 -11.78 -0.64 6.13
N GLU A 49 -11.27 0.31 5.37
CA GLU A 49 -11.95 1.54 5.04
C GLU A 49 -12.42 1.50 3.61
N LEU A 50 -13.68 1.86 3.37
CA LEU A 50 -14.29 2.06 2.04
C LEU A 50 -14.60 3.48 1.85
N TRP A 51 -14.11 4.09 0.82
CA TRP A 51 -14.25 5.54 0.52
C TRP A 51 -14.98 5.71 -0.77
N PHE A 52 -15.96 6.59 -0.81
CA PHE A 52 -16.79 6.86 -1.98
C PHE A 52 -17.00 8.32 -2.17
N ASP A 53 -16.82 8.90 -3.34
CA ASP A 53 -17.16 10.32 -3.56
C ASP A 53 -18.51 10.53 -4.15
N HIS A 54 -19.28 9.52 -4.38
CA HIS A 54 -20.67 9.63 -4.90
C HIS A 54 -21.62 8.94 -3.97
N PRO A 55 -22.93 9.20 -4.04
CA PRO A 55 -23.88 8.76 -3.07
C PRO A 55 -24.25 7.30 -3.07
N GLU A 56 -24.00 6.59 -4.14
CA GLU A 56 -24.21 5.18 -4.20
C GLU A 56 -22.87 4.45 -4.29
N PRO A 57 -22.72 3.32 -3.61
CA PRO A 57 -23.71 2.59 -2.81
C PRO A 57 -24.08 3.29 -1.58
N SER A 58 -25.40 3.24 -1.31
CA SER A 58 -25.93 3.78 -0.06
C SER A 58 -25.40 3.03 1.15
N TRP A 59 -25.50 3.67 2.34
CA TRP A 59 -25.24 2.93 3.58
C TRP A 59 -26.04 1.65 3.70
N GLU A 60 -27.31 1.66 3.28
CA GLU A 60 -28.07 0.45 3.31
C GLU A 60 -27.49 -0.69 2.44
N ARG A 61 -27.04 -0.33 1.25
CA ARG A 61 -26.47 -1.29 0.32
C ARG A 61 -25.13 -1.82 0.89
N VAL A 62 -24.31 -0.93 1.48
CA VAL A 62 -23.06 -1.37 2.09
C VAL A 62 -23.35 -2.39 3.22
N ARG A 63 -24.36 -2.08 4.03
CA ARG A 63 -24.76 -2.98 5.12
C ARG A 63 -25.27 -4.29 4.61
N GLU A 64 -26.05 -4.30 3.54
CA GLU A 64 -26.56 -5.52 2.97
C GLU A 64 -25.44 -6.40 2.56
N VAL A 65 -24.51 -5.91 1.79
CA VAL A 65 -23.46 -6.76 1.21
C VAL A 65 -22.50 -7.17 2.33
N LEU A 66 -22.07 -6.24 3.17
CA LEU A 66 -21.06 -6.62 4.12
C LEU A 66 -21.62 -7.26 5.35
N GLY A 67 -22.79 -6.87 5.77
CA GLY A 67 -23.45 -7.51 6.93
C GLY A 67 -23.63 -8.96 6.66
N THR A 68 -24.03 -9.34 5.46
CA THR A 68 -24.18 -10.69 5.10
C THR A 68 -22.85 -11.48 5.24
N HIS A 69 -21.77 -10.91 4.69
CA HIS A 69 -20.50 -11.53 4.75
C HIS A 69 -20.06 -11.75 6.20
N LEU A 70 -20.17 -10.70 6.97
CA LEU A 70 -19.69 -10.70 8.39
C LEU A 70 -20.48 -11.74 9.23
N ARG A 71 -21.74 -11.94 8.95
CA ARG A 71 -22.52 -12.96 9.66
C ARG A 71 -22.07 -14.33 9.31
N ALA A 72 -21.64 -14.60 8.07
CA ALA A 72 -21.17 -15.86 7.63
C ALA A 72 -19.72 -16.20 7.89
N HIS A 73 -18.86 -15.14 7.87
CA HIS A 73 -17.42 -15.30 7.90
C HIS A 73 -16.83 -14.25 8.85
N PRO A 74 -17.19 -14.29 10.12
CA PRO A 74 -16.65 -13.32 11.05
C PRO A 74 -15.20 -13.49 11.35
N SER A 75 -14.49 -12.42 11.61
CA SER A 75 -13.18 -12.47 12.24
C SER A 75 -13.31 -13.05 13.64
N ARG A 76 -12.32 -13.87 14.01
CA ARG A 76 -12.28 -14.52 15.35
C ARG A 76 -10.97 -14.30 15.98
N THR A 77 -10.23 -13.25 15.58
CA THR A 77 -8.93 -12.87 16.18
C THR A 77 -9.16 -11.95 17.29
N ARG A 78 -8.64 -12.21 18.50
CA ARG A 78 -8.90 -11.31 19.59
C ARG A 78 -7.73 -10.32 19.69
N ILE A 79 -8.04 -9.10 20.06
CA ILE A 79 -7.02 -8.07 20.27
C ILE A 79 -7.19 -7.51 21.67
N ASP A 80 -6.28 -6.62 22.01
CA ASP A 80 -6.30 -6.00 23.33
C ASP A 80 -6.27 -4.47 23.28
N PRO A 81 -7.45 -3.79 23.30
CA PRO A 81 -7.49 -2.34 23.14
C PRO A 81 -6.68 -1.53 24.19
N ASP A 82 -6.23 -2.20 25.26
CA ASP A 82 -5.37 -1.54 26.30
C ASP A 82 -3.86 -1.71 26.10
N ARG A 83 -3.38 -2.82 25.56
CA ARG A 83 -2.03 -2.91 25.01
C ARG A 83 -1.86 -2.08 23.69
N LEU A 84 -2.92 -1.88 22.90
CA LEU A 84 -2.79 -1.11 21.65
C LEU A 84 -2.87 0.39 21.83
N LEU A 85 -3.69 0.90 22.72
CA LEU A 85 -3.98 2.33 22.78
C LEU A 85 -2.75 3.21 22.89
N PRO A 86 -1.77 2.86 23.76
CA PRO A 86 -0.46 3.57 23.81
C PRO A 86 0.27 3.72 22.49
N GLN A 87 0.44 2.62 21.78
CA GLN A 87 1.09 2.56 20.49
C GLN A 87 0.32 3.43 19.46
N HIS A 88 -1.02 3.31 19.43
CA HIS A 88 -1.88 4.19 18.65
C HIS A 88 -1.78 5.69 18.94
N ARG A 89 -1.61 6.11 20.20
CA ARG A 89 -1.43 7.53 20.52
C ARG A 89 -0.11 8.02 19.89
N ARG A 90 0.94 7.21 19.99
CA ARG A 90 2.22 7.50 19.34
C ARG A 90 2.14 7.54 17.84
N LEU A 91 1.55 6.50 17.26
CA LEU A 91 1.38 6.46 15.84
C LEU A 91 0.53 7.61 15.29
N ALA A 92 -0.52 8.01 15.99
CA ALA A 92 -1.31 9.13 15.61
C ALA A 92 -0.52 10.46 15.54
N LEU A 93 0.34 10.70 16.52
CA LEU A 93 1.30 11.82 16.45
C LEU A 93 2.20 11.73 15.22
N ALA A 94 2.80 10.58 15.01
CA ALA A 94 3.69 10.32 13.86
C ALA A 94 3.06 10.50 12.49
N GLU A 95 1.85 9.99 12.34
CA GLU A 95 1.12 10.08 11.10
C GLU A 95 0.29 11.30 10.98
N GLN A 96 0.31 12.22 11.97
CA GLN A 96 -0.42 13.44 11.95
C GLN A 96 -1.90 13.19 11.71
N ILE A 97 -2.45 12.31 12.53
CA ILE A 97 -3.85 11.97 12.53
C ILE A 97 -4.56 12.73 13.66
N ASP A 98 -5.73 13.23 13.44
CA ASP A 98 -6.49 13.98 14.47
C ASP A 98 -7.96 13.60 14.39
N GLU A 99 -8.24 12.46 15.04
CA GLU A 99 -9.56 11.85 14.96
C GLU A 99 -9.70 10.91 16.19
N PRO A 100 -10.94 10.48 16.50
CA PRO A 100 -11.08 9.66 17.69
C PRO A 100 -10.27 8.36 17.63
N LEU A 101 -9.53 8.06 18.69
N LEU A 101 -9.64 8.03 18.69
CA LEU A 101 -8.77 6.79 18.84
CA LEU A 101 -8.83 6.85 18.83
C LEU A 101 -9.54 5.70 19.63
C LEU A 101 -9.53 5.72 19.66
N LEU A 102 -10.68 6.09 20.22
CA LEU A 102 -11.44 5.18 21.13
C LEU A 102 -12.84 5.55 21.04
N PRO A 103 -13.74 4.61 21.41
CA PRO A 103 -13.38 3.25 21.72
C PRO A 103 -12.98 2.40 20.52
N PHE A 104 -12.32 1.36 20.71
CA PHE A 104 -12.01 0.49 19.57
C PHE A 104 -13.32 -0.12 19.14
N TYR A 105 -13.48 -0.28 17.82
CA TYR A 105 -14.68 -0.96 17.26
C TYR A 105 -14.76 -2.37 17.75
N ASP A 106 -15.99 -2.79 18.03
CA ASP A 106 -16.26 -4.22 18.23
C ASP A 106 -15.94 -4.98 16.94
N ASP A 107 -15.39 -6.14 17.01
CA ASP A 107 -15.05 -6.92 15.82
C ASP A 107 -16.30 -7.19 15.01
N ASN A 108 -16.19 -7.23 13.70
CA ASN A 108 -17.30 -7.59 12.79
C ASN A 108 -18.41 -6.65 12.83
N THR A 109 -18.13 -5.37 12.89
CA THR A 109 -19.16 -4.31 12.84
C THR A 109 -18.86 -3.27 11.80
N LEU A 110 -19.90 -2.67 11.25
N LEU A 110 -19.85 -2.51 11.42
CA LEU A 110 -19.81 -1.61 10.30
CA LEU A 110 -19.73 -1.62 10.30
C LEU A 110 -20.08 -0.25 10.94
C LEU A 110 -20.16 -0.25 10.78
N HIS A 111 -19.30 0.73 10.55
CA HIS A 111 -19.47 2.08 11.10
C HIS A 111 -19.34 3.15 10.05
N ARG A 112 -20.20 4.14 10.03
CA ARG A 112 -19.91 5.34 9.32
C ARG A 112 -18.81 6.09 9.99
N ALA A 113 -17.93 6.78 9.29
CA ALA A 113 -16.82 7.46 9.88
C ALA A 113 -16.55 8.78 9.16
N VAL A 114 -15.76 9.62 9.71
CA VAL A 114 -15.51 10.96 9.13
C VAL A 114 -14.33 10.82 8.19
N PRO A 115 -14.44 11.23 6.94
CA PRO A 115 -13.29 11.17 6.06
C PRO A 115 -12.15 12.07 6.57
N ARG A 116 -10.97 11.61 6.64
CA ARG A 116 -9.87 12.41 7.13
C ARG A 116 -9.24 13.14 5.96
N SER A 117 -8.72 14.31 6.23
CA SER A 117 -7.92 15.08 5.29
C SER A 117 -6.50 14.81 5.51
N ARG A 118 -5.79 14.73 4.35
CA ARG A 118 -4.35 14.58 4.33
C ARG A 118 -3.59 15.74 3.71
N VAL A 119 -4.30 16.86 3.56
CA VAL A 119 -3.69 18.02 2.88
C VAL A 119 -2.52 18.54 3.62
N HIS A 120 -2.52 18.52 4.93
CA HIS A 120 -1.38 18.97 5.70
C HIS A 120 -0.12 18.19 5.56
N VAL A 121 -0.23 16.93 5.10
CA VAL A 121 0.86 16.07 4.82
C VAL A 121 1.28 16.17 3.35
N LEU A 122 0.35 16.18 2.47
CA LEU A 122 0.60 16.07 1.01
C LEU A 122 0.90 17.41 0.40
N GLY A 123 0.34 18.50 0.92
CA GLY A 123 0.67 19.86 0.53
C GLY A 123 -0.40 20.62 -0.06
N SER A 124 -1.50 20.08 -0.52
CA SER A 124 -2.51 20.79 -1.19
C SER A 124 -3.75 19.92 -1.44
N ALA A 125 -4.87 20.49 -1.76
CA ALA A 125 -6.00 19.75 -2.18
C ALA A 125 -5.66 19.04 -3.50
N ALA A 126 -4.92 19.66 -4.43
CA ALA A 126 -4.58 19.00 -5.69
C ALA A 126 -3.75 17.76 -5.44
N ALA A 127 -2.90 17.78 -4.52
CA ALA A 127 -2.08 16.59 -4.14
C ALA A 127 -2.99 15.53 -3.57
N GLU A 128 -3.91 15.90 -2.72
CA GLU A 128 -4.84 14.91 -2.17
C GLU A 128 -5.69 14.30 -3.24
N ASP A 129 -6.13 15.06 -4.23
N ASP A 129 -6.15 15.07 -4.20
CA ASP A 129 -6.92 14.53 -5.29
CA ASP A 129 -6.88 14.57 -5.31
C ASP A 129 -6.12 13.54 -6.17
C ASP A 129 -6.11 13.55 -6.11
N LEU A 130 -4.84 13.83 -6.37
CA LEU A 130 -3.98 12.90 -7.09
C LEU A 130 -3.94 11.57 -6.32
N PHE A 131 -3.70 11.60 -5.03
CA PHE A 131 -3.68 10.37 -4.24
C PHE A 131 -5.03 9.69 -4.26
N HIS A 132 -6.14 10.37 -4.20
CA HIS A 132 -7.41 9.71 -4.30
C HIS A 132 -7.63 9.05 -5.63
N ASP A 133 -7.22 9.72 -6.69
CA ASP A 133 -7.32 9.14 -8.02
C ASP A 133 -6.45 7.85 -8.13
N PHE A 134 -5.26 7.90 -7.56
CA PHE A 134 -4.42 6.72 -7.51
C PHE A 134 -5.13 5.60 -6.75
N HIS A 135 -5.67 5.91 -5.57
CA HIS A 135 -6.29 4.88 -4.79
C HIS A 135 -7.46 4.28 -5.51
N ALA A 136 -8.24 5.06 -6.25
CA ALA A 136 -9.35 4.50 -7.00
C ALA A 136 -8.86 3.49 -8.08
N ALA A 137 -7.87 3.94 -8.87
CA ALA A 137 -7.36 3.02 -9.91
C ALA A 137 -6.72 1.81 -9.33
N ALA A 138 -5.90 2.01 -8.30
CA ALA A 138 -5.15 0.94 -7.70
C ALA A 138 -5.99 0.00 -6.89
N SER A 139 -7.11 0.49 -6.33
CA SER A 139 -8.03 -0.41 -5.65
C SER A 139 -8.62 -1.45 -6.58
N THR A 140 -8.99 -0.98 -7.79
CA THR A 140 -9.51 -1.88 -8.79
C THR A 140 -8.45 -2.93 -9.14
N ALA A 141 -7.21 -2.47 -9.32
CA ALA A 141 -6.10 -3.40 -9.55
C ALA A 141 -5.91 -4.37 -8.44
N ALA A 142 -6.08 -3.93 -7.22
CA ALA A 142 -5.93 -4.80 -6.04
C ALA A 142 -6.88 -5.91 -5.91
N PHE A 143 -8.12 -5.72 -6.39
CA PHE A 143 -9.07 -6.84 -6.35
C PHE A 143 -8.58 -7.98 -7.18
N ASP A 144 -8.02 -7.69 -8.35
CA ASP A 144 -7.50 -8.76 -9.17
C ASP A 144 -6.28 -9.45 -8.57
N GLN A 145 -5.42 -8.66 -7.92
CA GLN A 145 -4.24 -9.20 -7.27
C GLN A 145 -4.63 -10.12 -6.06
N LEU A 146 -5.63 -9.72 -5.29
CA LEU A 146 -6.16 -10.52 -4.19
C LEU A 146 -6.89 -11.77 -4.67
N ASP A 147 -7.56 -11.64 -5.76
CA ASP A 147 -8.10 -12.89 -6.38
C ASP A 147 -7.02 -13.90 -6.65
N ALA A 148 -5.87 -13.44 -7.15
CA ALA A 148 -4.74 -14.36 -7.36
C ALA A 148 -4.25 -14.92 -6.11
N VAL A 149 -4.12 -14.16 -5.03
CA VAL A 149 -3.65 -14.63 -3.79
C VAL A 149 -4.59 -15.69 -3.21
N VAL A 150 -5.90 -15.43 -3.30
N VAL A 150 -5.89 -15.44 -3.15
CA VAL A 150 -6.86 -16.37 -2.72
CA VAL A 150 -6.79 -16.50 -2.61
C VAL A 150 -6.76 -17.71 -3.46
C VAL A 150 -6.92 -17.75 -3.51
N ALA A 151 -6.49 -17.64 -4.74
CA ALA A 151 -6.33 -18.85 -5.60
C ALA A 151 -5.02 -19.56 -5.40
N GLY A 152 -4.11 -19.04 -4.58
CA GLY A 152 -2.88 -19.74 -4.21
C GLY A 152 -1.56 -19.05 -4.63
N GLU A 153 -1.60 -17.87 -5.25
CA GLU A 153 -0.38 -17.19 -5.68
C GLU A 153 0.21 -16.46 -4.50
N SER A 154 1.50 -16.22 -4.59
CA SER A 154 2.22 -15.62 -3.50
C SER A 154 1.97 -14.11 -3.39
N ARG A 155 1.41 -13.74 -2.29
CA ARG A 155 1.23 -12.33 -1.94
C ARG A 155 2.55 -11.57 -2.04
N LEU A 156 3.56 -12.10 -1.33
CA LEU A 156 4.83 -11.45 -1.35
C LEU A 156 5.48 -11.40 -2.69
N GLY A 157 5.35 -12.49 -3.47
CA GLY A 157 5.87 -12.50 -4.81
C GLY A 157 5.27 -11.46 -5.71
N LEU A 158 3.92 -11.30 -5.59
CA LEU A 158 3.22 -10.29 -6.34
C LEU A 158 3.68 -8.88 -5.99
N ALA A 159 3.87 -8.63 -4.68
CA ALA A 159 4.35 -7.33 -4.22
C ALA A 159 5.73 -7.03 -4.67
N PHE A 160 6.62 -8.07 -4.61
CA PHE A 160 7.97 -7.93 -5.09
C PHE A 160 8.01 -7.54 -6.56
N GLU A 161 7.17 -8.17 -7.38
CA GLU A 161 7.05 -7.81 -8.79
C GLU A 161 6.67 -6.36 -9.02
N LEU A 162 5.71 -5.86 -8.23
CA LEU A 162 5.35 -4.43 -8.39
C LEU A 162 6.47 -3.51 -8.15
N MET A 163 7.27 -3.85 -7.12
N MET A 163 7.27 -3.80 -7.12
CA MET A 163 8.42 -3.05 -6.71
CA MET A 163 8.44 -2.96 -6.76
C MET A 163 9.48 -2.99 -7.78
C MET A 163 9.53 -2.96 -7.82
N ILE A 164 9.87 -4.17 -8.27
CA ILE A 164 10.88 -4.25 -9.30
C ILE A 164 10.44 -3.53 -10.52
N ALA A 165 9.15 -3.76 -10.92
CA ALA A 165 8.65 -3.12 -12.14
C ALA A 165 8.67 -1.60 -11.98
N ALA A 166 8.27 -1.09 -10.82
CA ALA A 166 8.29 0.32 -10.55
C ALA A 166 9.65 0.93 -10.69
N ALA A 167 10.65 0.27 -10.13
CA ALA A 167 12.01 0.78 -10.26
C ALA A 167 12.51 0.78 -11.66
N HIS A 168 12.28 -0.34 -12.36
CA HIS A 168 12.87 -0.38 -13.70
C HIS A 168 12.21 0.56 -14.63
N ALA A 169 10.90 0.78 -14.52
CA ALA A 169 10.18 1.68 -15.44
C ALA A 169 10.26 3.09 -15.05
N HIS A 170 10.47 3.41 -13.79
CA HIS A 170 10.27 4.77 -13.30
C HIS A 170 11.44 5.37 -12.58
N ALA A 171 12.48 4.66 -12.25
CA ALA A 171 13.71 5.23 -11.66
C ALA A 171 14.62 5.61 -12.83
N GLU A 172 15.33 6.69 -12.65
CA GLU A 172 16.38 7.09 -13.61
C GLU A 172 17.42 6.01 -13.64
N GLY A 173 17.66 5.49 -14.80
CA GLY A 173 18.64 4.40 -14.99
C GLY A 173 18.04 3.02 -14.79
N GLY A 174 16.74 2.88 -14.57
CA GLY A 174 16.13 1.61 -14.36
C GLY A 174 16.51 0.97 -13.04
N ILE A 175 16.45 -0.33 -13.07
CA ILE A 175 16.57 -1.10 -11.80
C ILE A 175 17.88 -0.84 -11.09
N THR A 176 18.98 -0.64 -11.84
CA THR A 176 20.26 -0.37 -11.20
C THR A 176 20.42 1.06 -10.76
N GLY A 177 19.44 1.90 -11.00
CA GLY A 177 19.31 3.22 -10.33
C GLY A 177 18.37 3.06 -9.12
N GLY A 178 17.23 2.52 -9.32
CA GLY A 178 16.21 2.57 -8.33
C GLY A 178 16.38 1.65 -7.17
N PHE A 179 17.27 0.67 -7.24
CA PHE A 179 17.43 -0.25 -6.10
C PHE A 179 18.01 0.42 -4.91
N VAL A 180 18.72 1.53 -5.04
CA VAL A 180 19.32 2.17 -3.90
C VAL A 180 18.21 2.49 -2.89
N SER A 181 17.04 2.91 -3.34
CA SER A 181 15.96 3.24 -2.47
C SER A 181 15.51 1.98 -1.69
N PHE A 182 15.64 0.79 -2.25
CA PHE A 182 15.31 -0.40 -1.53
C PHE A 182 16.26 -0.62 -0.37
N ARG A 183 17.57 -0.49 -0.63
CA ARG A 183 18.54 -0.68 0.48
C ARG A 183 18.28 0.42 1.51
N SER A 184 17.98 1.63 1.15
CA SER A 184 17.75 2.68 2.14
C SER A 184 16.56 2.34 2.95
N HIS A 185 15.47 1.85 2.44
CA HIS A 185 14.28 1.56 3.13
C HIS A 185 14.54 0.41 4.13
N ALA A 186 15.19 -0.63 3.66
CA ALA A 186 15.51 -1.79 4.55
C ALA A 186 16.40 -1.31 5.73
N GLU A 187 17.38 -0.54 5.47
CA GLU A 187 18.28 -0.12 6.58
C GLU A 187 17.53 0.81 7.45
N ALA A 188 16.63 1.67 7.00
CA ALA A 188 15.89 2.56 7.88
C ALA A 188 15.02 1.73 8.78
N PHE A 189 14.36 0.69 8.36
CA PHE A 189 13.58 -0.10 9.15
C PHE A 189 14.48 -0.84 10.18
N LEU A 190 15.56 -1.42 9.75
CA LEU A 190 16.38 -2.24 10.70
C LEU A 190 16.88 -1.37 11.82
N ALA A 191 17.16 -0.13 11.60
CA ALA A 191 17.60 0.84 12.60
C ALA A 191 18.78 0.24 13.43
N GLY A 192 19.73 -0.36 12.82
CA GLY A 192 20.89 -0.89 13.51
C GLY A 192 20.81 -2.30 13.98
N ALA A 193 19.75 -3.02 13.72
CA ALA A 193 19.55 -4.39 14.16
C ALA A 193 20.42 -5.34 13.44
N ALA A 194 21.63 -5.56 13.92
CA ALA A 194 22.54 -6.50 13.30
C ALA A 194 22.05 -7.88 13.29
N GLY A 195 21.36 -8.35 14.30
CA GLY A 195 20.85 -9.67 14.33
C GLY A 195 19.67 -9.96 13.37
N LEU A 196 18.77 -8.99 13.28
CA LEU A 196 17.66 -9.10 12.33
C LEU A 196 18.27 -8.97 10.91
N ARG A 197 19.23 -8.12 10.70
CA ARG A 197 19.88 -8.04 9.37
C ARG A 197 20.47 -9.34 9.01
N GLU A 198 21.17 -10.01 9.90
CA GLU A 198 21.77 -11.30 9.62
C GLU A 198 20.72 -12.26 9.27
N ARG A 199 19.62 -12.34 9.97
CA ARG A 199 18.56 -13.20 9.60
C ARG A 199 18.08 -12.94 8.14
N TRP A 200 17.88 -11.67 7.82
CA TRP A 200 17.43 -11.30 6.46
C TRP A 200 18.41 -11.71 5.44
N GLU A 201 19.69 -11.53 5.71
CA GLU A 201 20.74 -11.92 4.75
C GLU A 201 20.78 -13.42 4.61
N ALA A 202 20.54 -14.22 5.62
CA ALA A 202 20.50 -15.63 5.48
C ALA A 202 19.30 -16.08 4.69
N GLU A 203 18.18 -15.45 4.87
CA GLU A 203 16.97 -15.75 4.10
C GLU A 203 17.15 -15.35 2.62
N TYR A 204 17.85 -14.29 2.34
CA TYR A 204 18.23 -13.92 1.00
C TYR A 204 19.10 -14.99 0.43
N ARG A 205 20.15 -15.38 1.10
CA ARG A 205 21.14 -16.31 0.54
C ARG A 205 20.43 -17.60 0.20
N THR A 206 19.55 -18.07 0.99
CA THR A 206 18.82 -19.32 0.71
C THR A 206 18.06 -19.26 -0.57
N ARG A 207 17.59 -18.08 -0.97
CA ARG A 207 16.70 -17.83 -2.13
C ARG A 207 17.35 -17.00 -3.23
N ALA A 208 18.69 -16.87 -3.22
CA ALA A 208 19.36 -15.86 -3.99
C ALA A 208 19.06 -16.00 -5.48
N GLU A 209 19.30 -17.18 -6.04
CA GLU A 209 19.06 -17.38 -7.47
C GLU A 209 17.59 -17.22 -7.80
N ALA A 210 16.70 -17.71 -6.97
CA ALA A 210 15.25 -17.53 -7.25
C ALA A 210 14.84 -16.08 -7.29
N LEU A 211 15.44 -15.27 -6.35
CA LEU A 211 15.14 -13.82 -6.34
C LEU A 211 15.73 -13.09 -7.46
N ARG A 212 17.03 -13.44 -7.83
CA ARG A 212 17.63 -12.86 -8.94
C ARG A 212 16.82 -13.13 -10.26
N ALA A 213 16.39 -14.36 -10.38
CA ALA A 213 15.58 -14.77 -11.55
C ALA A 213 14.24 -13.96 -11.64
N GLN A 214 13.64 -13.72 -10.51
N GLN A 214 13.65 -13.77 -10.46
CA GLN A 214 12.43 -12.89 -10.58
CA GLN A 214 12.41 -12.98 -10.32
C GLN A 214 12.70 -11.44 -10.93
C GLN A 214 12.64 -11.53 -10.77
N VAL A 215 13.76 -10.88 -10.33
CA VAL A 215 14.14 -9.57 -10.76
C VAL A 215 14.30 -9.50 -12.25
N ALA A 216 15.10 -10.43 -12.81
CA ALA A 216 15.37 -10.43 -14.19
C ALA A 216 14.09 -10.59 -15.07
N ALA A 217 13.23 -11.43 -14.61
CA ALA A 217 11.98 -11.69 -15.33
C ALA A 217 11.14 -10.40 -15.42
N VAL A 218 11.07 -9.66 -14.29
CA VAL A 218 10.30 -8.42 -14.26
C VAL A 218 10.90 -7.35 -15.04
N VAL A 219 12.24 -7.22 -14.99
CA VAL A 219 12.96 -6.29 -15.83
C VAL A 219 12.78 -6.50 -17.28
N THR A 220 12.75 -7.79 -17.68
CA THR A 220 12.55 -8.17 -19.06
C THR A 220 11.13 -7.81 -19.46
N GLY A 221 10.19 -7.96 -18.54
CA GLY A 221 8.79 -7.55 -18.74
C GLY A 221 7.86 -8.68 -18.46
N THR A 222 6.88 -8.54 -17.60
CA THR A 222 5.82 -9.45 -17.33
C THR A 222 4.51 -8.74 -17.53
N PRO A 223 3.40 -9.45 -17.81
CA PRO A 223 2.14 -8.76 -18.00
C PRO A 223 1.75 -7.99 -16.72
N ARG A 224 1.97 -8.60 -15.55
CA ARG A 224 1.61 -7.94 -14.31
C ARG A 224 2.52 -6.73 -14.06
N GLY A 225 3.80 -6.84 -14.34
CA GLY A 225 4.67 -5.67 -14.15
C GLY A 225 4.31 -4.53 -15.05
N ARG A 226 4.06 -4.86 -16.31
CA ARG A 226 3.68 -3.86 -17.25
C ARG A 226 2.34 -3.23 -16.93
N ALA A 227 1.41 -4.00 -16.45
CA ALA A 227 0.13 -3.43 -16.05
C ALA A 227 0.32 -2.43 -14.89
N TRP A 228 1.19 -2.76 -13.94
CA TRP A 228 1.40 -1.83 -12.79
C TRP A 228 2.09 -0.62 -13.22
N THR A 229 3.11 -0.76 -14.04
CA THR A 229 3.81 0.45 -14.45
C THR A 229 2.96 1.33 -15.38
N GLY A 230 2.08 0.70 -16.19
CA GLY A 230 1.10 1.44 -16.93
C GLY A 230 0.15 2.23 -16.08
N LEU A 231 -0.27 1.68 -14.98
CA LEU A 231 -1.11 2.42 -13.98
C LEU A 231 -0.31 3.55 -13.44
N LEU A 232 0.94 3.32 -13.03
CA LEU A 232 1.80 4.40 -12.53
C LEU A 232 2.00 5.49 -13.54
N ASP A 233 2.13 5.13 -14.81
CA ASP A 233 2.33 6.12 -15.90
C ASP A 233 1.20 7.13 -15.91
N GLY A 234 0.01 6.78 -15.53
CA GLY A 234 -1.10 7.75 -15.50
C GLY A 234 -0.96 8.78 -14.44
N PHE A 235 -0.06 8.66 -13.48
CA PHE A 235 0.21 9.59 -12.45
C PHE A 235 1.54 10.30 -12.57
N ALA A 236 2.41 9.87 -13.46
CA ALA A 236 3.73 10.44 -13.51
C ALA A 236 3.77 11.87 -13.96
N GLY A 237 2.96 12.21 -14.94
CA GLY A 237 2.94 13.60 -15.43
C GLY A 237 2.29 14.55 -14.43
N ARG A 238 1.17 14.14 -13.81
CA ARG A 238 0.53 14.94 -12.79
C ARG A 238 1.47 15.07 -11.61
N GLY A 239 2.17 14.03 -11.23
CA GLY A 239 3.09 14.11 -10.12
C GLY A 239 4.19 15.13 -10.46
N ASP A 240 4.76 15.11 -11.68
CA ASP A 240 5.78 16.04 -12.04
C ASP A 240 5.25 17.49 -11.89
N GLU A 241 4.04 17.71 -12.35
CA GLU A 241 3.48 19.08 -12.33
C GLU A 241 3.33 19.59 -10.92
N LEU A 242 2.80 18.72 -10.01
CA LEU A 242 2.57 19.16 -8.65
C LEU A 242 3.85 19.25 -7.88
N ILE A 243 4.87 18.41 -8.15
CA ILE A 243 6.13 18.56 -7.52
C ILE A 243 6.73 19.93 -7.97
N ALA A 244 6.66 20.21 -9.24
CA ALA A 244 7.32 21.45 -9.77
C ALA A 244 6.67 22.66 -9.15
N SER A 245 5.34 22.65 -9.03
CA SER A 245 4.64 23.88 -8.52
C SER A 245 4.72 24.00 -7.05
N GLY A 246 5.18 23.00 -6.27
CA GLY A 246 5.16 22.98 -4.85
C GLY A 246 3.83 22.50 -4.27
N ALA A 247 2.86 22.20 -5.07
CA ALA A 247 1.57 21.65 -4.57
C ALA A 247 1.70 20.28 -3.91
N LEU A 248 2.70 19.49 -4.29
CA LEU A 248 2.92 18.19 -3.68
C LEU A 248 4.19 18.28 -2.97
N THR A 249 4.17 18.10 -1.65
N THR A 249 4.17 18.05 -1.65
CA THR A 249 5.34 18.13 -0.85
CA THR A 249 5.30 18.09 -0.78
C THR A 249 6.20 16.94 -1.26
C THR A 249 6.20 16.87 -1.04
N VAL A 250 7.49 17.12 -1.08
CA VAL A 250 8.45 16.08 -1.27
C VAL A 250 8.90 15.60 0.12
N GLU A 251 9.53 14.43 0.18
CA GLU A 251 10.02 13.92 1.45
C GLU A 251 11.10 14.80 1.97
N VAL A 279 20.84 15.04 -6.40
CA VAL A 279 19.80 13.96 -6.47
C VAL A 279 18.50 14.37 -5.86
N LEU A 280 18.56 14.92 -4.67
CA LEU A 280 17.36 15.38 -3.99
C LEU A 280 16.68 16.51 -4.75
N ARG A 281 17.41 17.27 -5.56
CA ARG A 281 16.82 18.36 -6.33
C ARG A 281 16.34 17.91 -7.69
N SER A 282 16.53 16.63 -8.02
CA SER A 282 16.29 16.07 -9.36
C SER A 282 14.76 15.85 -9.51
N PRO A 283 14.12 16.34 -10.54
CA PRO A 283 12.74 15.99 -10.80
C PRO A 283 12.59 14.49 -10.96
N SER A 284 13.51 13.83 -11.59
CA SER A 284 13.40 12.41 -11.80
C SER A 284 13.45 11.66 -10.50
N PHE A 285 14.33 12.03 -9.58
CA PHE A 285 14.36 11.40 -8.29
C PHE A 285 13.03 11.58 -7.53
N ARG A 286 12.51 12.78 -7.51
CA ARG A 286 11.30 13.04 -6.77
C ARG A 286 10.11 12.37 -7.38
N ARG A 287 10.06 12.22 -8.67
CA ARG A 287 8.99 11.50 -9.34
C ARG A 287 9.13 10.05 -8.99
N TYR A 288 10.28 9.47 -9.07
CA TYR A 288 10.46 8.07 -8.64
C TYR A 288 10.03 7.86 -7.26
N ARG A 289 10.45 8.71 -6.31
CA ARG A 289 10.06 8.55 -4.95
C ARG A 289 8.55 8.58 -4.78
N LEU A 290 7.84 9.41 -5.47
CA LEU A 290 6.38 9.42 -5.44
C LEU A 290 5.84 8.11 -5.89
N LEU A 291 6.27 7.63 -7.07
CA LEU A 291 5.69 6.40 -7.66
C LEU A 291 6.05 5.17 -6.88
N LEU A 292 7.24 5.14 -6.28
CA LEU A 292 7.60 4.08 -5.40
C LEU A 292 6.75 4.07 -4.15
N ASN A 293 6.53 5.24 -3.54
CA ASN A 293 5.64 5.34 -2.40
C ASN A 293 4.20 4.94 -2.73
N LEU A 294 3.71 5.24 -3.92
CA LEU A 294 2.42 4.73 -4.33
C LEU A 294 2.44 3.24 -4.38
N THR A 295 3.52 2.65 -4.85
CA THR A 295 3.70 1.20 -4.88
C THR A 295 3.68 0.61 -3.45
N TYR A 296 4.37 1.24 -2.52
CA TYR A 296 4.27 0.80 -1.14
C TYR A 296 2.89 0.86 -0.57
N LEU A 297 2.11 1.87 -0.93
CA LEU A 297 0.73 1.95 -0.49
C LEU A 297 -0.06 0.80 -1.09
N GLN A 298 0.20 0.41 -2.34
CA GLN A 298 -0.45 -0.75 -2.91
C GLN A 298 -0.08 -2.00 -2.15
N MET A 299 1.15 -2.17 -1.78
CA MET A 299 1.56 -3.35 -0.98
C MET A 299 0.82 -3.45 0.31
N SER A 300 0.57 -2.30 0.96
N SER A 300 0.62 -2.30 0.97
CA SER A 300 -0.23 -2.25 2.19
CA SER A 300 -0.22 -2.24 2.18
C SER A 300 -1.67 -2.69 1.90
C SER A 300 -1.65 -2.73 1.88
N ARG A 301 -2.22 -2.25 0.79
CA ARG A 301 -3.54 -2.62 0.42
C ARG A 301 -3.67 -4.12 0.27
N LEU A 302 -2.61 -4.74 -0.24
CA LEU A 302 -2.50 -6.17 -0.40
C LEU A 302 -2.15 -6.91 0.85
N GLY A 303 -1.97 -6.26 1.95
CA GLY A 303 -1.75 -6.98 3.20
C GLY A 303 -0.31 -7.17 3.48
N VAL A 304 0.64 -6.58 2.83
CA VAL A 304 2.05 -6.73 3.15
C VAL A 304 2.33 -5.74 4.27
N THR A 305 2.85 -6.28 5.39
CA THR A 305 3.11 -5.46 6.55
C THR A 305 4.37 -4.67 6.41
N ALA A 306 4.63 -3.70 7.28
CA ALA A 306 5.80 -2.90 7.21
C ALA A 306 7.08 -3.75 7.27
N VAL A 307 7.12 -4.71 8.19
CA VAL A 307 8.29 -5.55 8.28
C VAL A 307 8.51 -6.32 6.99
N GLN A 308 7.42 -6.84 6.41
CA GLN A 308 7.53 -7.58 5.19
C GLN A 308 7.93 -6.76 4.01
N ARG A 309 7.44 -5.53 3.95
CA ARG A 309 7.87 -4.65 2.90
C ARG A 309 9.36 -4.39 2.98
N SER A 310 9.85 -4.16 4.22
CA SER A 310 11.28 -3.93 4.43
C SER A 310 12.13 -5.16 4.09
N LEU A 311 11.63 -6.33 4.47
CA LEU A 311 12.29 -7.55 4.04
C LEU A 311 12.42 -7.65 2.54
N LEU A 312 11.29 -7.38 1.83
CA LEU A 312 11.30 -7.40 0.38
C LEU A 312 12.26 -6.41 -0.22
N CYS A 313 12.34 -5.24 0.41
CA CYS A 313 13.36 -4.27 0.01
C CYS A 313 14.79 -4.81 0.16
N HIS A 314 15.04 -5.45 1.33
CA HIS A 314 16.37 -6.06 1.50
C HIS A 314 16.66 -7.07 0.41
N PHE A 315 15.68 -7.95 0.15
CA PHE A 315 15.83 -8.94 -0.90
C PHE A 315 16.02 -8.29 -2.24
N ALA A 316 15.28 -7.27 -2.61
CA ALA A 316 15.40 -6.65 -3.91
C ALA A 316 16.77 -6.02 -4.09
N ALA A 317 17.23 -5.29 -3.05
CA ALA A 317 18.53 -4.67 -3.15
C ALA A 317 19.67 -5.77 -3.34
N SER A 318 19.58 -6.77 -2.51
CA SER A 318 20.61 -7.83 -2.61
C SER A 318 20.58 -8.51 -3.97
N ALA A 319 19.38 -8.81 -4.47
CA ALA A 319 19.26 -9.49 -5.75
C ALA A 319 19.75 -8.63 -6.86
N VAL A 320 19.42 -7.36 -6.86
CA VAL A 320 19.93 -6.46 -7.88
C VAL A 320 21.43 -6.37 -7.84
N GLU A 321 21.99 -6.23 -6.65
CA GLU A 321 23.47 -6.17 -6.49
C GLU A 321 24.07 -7.41 -7.13
N GLU A 322 23.58 -8.60 -6.82
CA GLU A 322 24.19 -9.83 -7.36
C GLU A 322 23.87 -10.02 -8.78
N GLU A 323 22.73 -9.71 -9.29
CA GLU A 323 22.40 -9.95 -10.67
C GLU A 323 23.17 -9.06 -11.58
N TYR A 324 23.37 -7.81 -11.24
CA TYR A 324 23.92 -6.82 -12.15
C TYR A 324 25.32 -6.43 -11.70
N GLY A 325 25.90 -6.92 -10.63
CA GLY A 325 27.27 -6.59 -10.25
C GLY A 325 27.39 -5.16 -9.83
N VAL A 326 26.50 -4.67 -9.01
CA VAL A 326 26.48 -3.30 -8.52
C VAL A 326 26.45 -3.30 -7.03
N SER A 327 26.69 -2.12 -6.47
CA SER A 327 26.70 -1.90 -5.03
C SER A 327 25.97 -0.64 -4.63
N ALA A 328 25.00 -0.71 -3.69
CA ALA A 328 24.32 0.46 -3.17
C ALA A 328 25.37 1.18 -2.26
N GLU A 330 28.32 1.89 -2.87
CA GLU A 330 29.36 2.30 -3.81
C GLU A 330 28.86 3.34 -4.78
N ILE A 331 27.64 3.16 -5.25
CA ILE A 331 26.90 4.27 -5.82
C ILE A 331 26.61 5.20 -4.62
O1 MES B . -17.91 -2.65 25.08
C2 MES B . -18.87 -3.24 24.26
C3 MES B . -19.32 -2.24 23.19
N4 MES B . -18.14 -1.71 22.44
C5 MES B . -16.98 -1.37 23.25
C6 MES B . -16.71 -2.39 24.35
C7 MES B . -18.58 -0.76 21.44
C8 MES B . -17.43 -0.07 20.65
S MES B . -17.99 0.50 19.12
O1S MES B . -19.23 1.13 19.35
O2S MES B . -18.13 -0.73 18.23
O3S MES B . -16.98 1.36 18.60
#